data_2GXS
#
_entry.id   2GXS
#
_cell.length_a   136.564
_cell.length_b   42.838
_cell.length_c   68.645
_cell.angle_alpha   90.00
_cell.angle_beta   100.06
_cell.angle_gamma   90.00
#
_symmetry.space_group_name_H-M   'C 1 2 1'
#
loop_
_entity.id
_entity.type
_entity.pdbx_description
1 polymer 'heat resistant RNA dependent ATPase'
2 non-polymer 'CALCIUM ION'
3 non-polymer 'ADENOSINE MONOPHOSPHATE'
4 non-polymer GLYCEROL
5 water water
#
_entity_poly.entity_id   1
_entity_poly.type   'polypeptide(L)'
_entity_poly.pdbx_seq_one_letter_code
;MEFKDFPLKPEILEALHGRGLTTPTPIQAAALPLALEGKDLIGQARTGTGKTLAFALPIAERLAPSQERGRKPRALVLTP
TRELALQVASELTAVAPHLKVVAVYGGTGYGKQKEALLRGADAVVATPGRALDYLRQGVLDLSRVEVAVLDEADEMLSMG
FEEEVEALLSATPPSRQTLLFSATLPSWAKRLAERYMKNPVLINVIK
;
_entity_poly.pdbx_strand_id   A,B
#
loop_
_chem_comp.id
_chem_comp.type
_chem_comp.name
_chem_comp.formula
AMP non-polymer 'ADENOSINE MONOPHOSPHATE' 'C10 H14 N5 O7 P'
CA non-polymer 'CALCIUM ION' 'Ca 2'
GOL non-polymer GLYCEROL 'C3 H8 O3'
#
# COMPACT_ATOMS: atom_id res chain seq x y z
N MET A 1 -7.90 1.42 10.89
CA MET A 1 -7.68 2.84 11.25
C MET A 1 -8.84 3.69 10.76
N GLU A 2 -8.98 4.85 11.38
CA GLU A 2 -10.04 5.80 11.05
CA GLU A 2 -10.03 5.81 11.08
C GLU A 2 -9.43 6.97 10.27
N PHE A 3 -10.26 7.69 9.54
CA PHE A 3 -9.78 8.89 8.85
C PHE A 3 -9.12 9.84 9.80
N LYS A 4 -9.60 9.95 11.05
CA LYS A 4 -8.98 10.87 11.98
CA LYS A 4 -8.97 10.88 11.97
C LYS A 4 -7.54 10.49 12.38
N ASP A 5 -7.13 9.27 12.06
CA ASP A 5 -5.74 8.86 12.38
C ASP A 5 -4.73 9.42 11.37
N PHE A 6 -5.23 9.93 10.25
CA PHE A 6 -4.35 10.40 9.19
C PHE A 6 -4.14 11.92 9.30
N PRO A 7 -2.99 12.44 8.80
CA PRO A 7 -2.74 13.87 8.87
C PRO A 7 -3.55 14.67 7.86
N LEU A 8 -4.79 14.89 8.25
CA LEU A 8 -5.81 15.62 7.48
C LEU A 8 -6.31 16.78 8.31
N LYS A 9 -6.50 17.93 7.68
CA LYS A 9 -6.98 19.11 8.40
C LYS A 9 -8.37 18.86 8.97
N PRO A 10 -8.70 19.51 10.09
CA PRO A 10 -10.02 19.30 10.71
C PRO A 10 -11.22 19.54 9.82
N GLU A 11 -11.17 20.54 8.94
CA GLU A 11 -12.30 20.78 8.00
C GLU A 11 -12.53 19.61 7.06
N ILE A 12 -11.44 18.92 6.70
CA ILE A 12 -11.56 17.77 5.81
C ILE A 12 -12.21 16.65 6.60
N LEU A 13 -11.70 16.41 7.79
CA LEU A 13 -12.29 15.36 8.65
C LEU A 13 -13.76 15.60 8.92
N GLU A 14 -14.08 16.83 9.28
CA GLU A 14 -15.46 17.19 9.55
C GLU A 14 -16.36 16.92 8.36
N ALA A 15 -15.88 17.21 7.15
CA ALA A 15 -16.64 16.94 5.93
C ALA A 15 -16.87 15.47 5.67
N LEU A 16 -15.81 14.67 5.85
CA LEU A 16 -15.97 13.24 5.68
C LEU A 16 -17.05 12.76 6.67
N HIS A 17 -16.91 13.19 7.91
CA HIS A 17 -17.84 12.73 8.99
C HIS A 17 -19.27 13.12 8.66
N GLY A 18 -19.41 14.35 8.19
CA GLY A 18 -20.70 14.84 7.72
C GLY A 18 -21.34 13.94 6.71
N ARG A 19 -20.54 13.29 5.86
CA ARG A 19 -21.05 12.31 4.89
C ARG A 19 -21.14 10.86 5.35
N GLY A 20 -20.84 10.60 6.62
CA GLY A 20 -20.97 9.26 7.17
C GLY A 20 -19.72 8.43 6.97
N LEU A 21 -18.63 9.10 6.57
CA LEU A 21 -17.40 8.42 6.25
C LEU A 21 -16.42 8.52 7.41
N THR A 22 -16.10 7.38 8.02
CA THR A 22 -15.18 7.32 9.12
C THR A 22 -14.01 6.38 8.95
N THR A 23 -14.17 5.39 8.07
CA THR A 23 -13.23 4.29 8.00
C THR A 23 -12.71 4.18 6.56
N PRO A 24 -11.39 4.36 6.37
CA PRO A 24 -10.89 4.21 5.00
C PRO A 24 -11.11 2.81 4.44
N THR A 25 -11.37 2.74 3.12
CA THR A 25 -11.38 1.45 2.42
C THR A 25 -9.93 0.94 2.32
N PRO A 26 -9.75 -0.36 1.96
CA PRO A 26 -8.40 -0.92 1.83
C PRO A 26 -7.46 -0.03 0.99
N ILE A 27 -7.88 0.37 -0.20
CA ILE A 27 -6.94 1.17 -1.02
C ILE A 27 -6.63 2.52 -0.36
N GLN A 28 -7.61 3.14 0.31
CA GLN A 28 -7.36 4.40 1.02
C GLN A 28 -6.41 4.20 2.18
N ALA A 29 -6.66 3.15 2.95
CA ALA A 29 -5.83 2.85 4.13
C ALA A 29 -4.33 2.65 3.76
N ALA A 30 -4.09 1.87 2.72
CA ALA A 30 -2.73 1.55 2.23
C ALA A 30 -2.08 2.77 1.54
N ALA A 31 -2.90 3.55 0.82
CA ALA A 31 -2.38 4.69 0.01
C ALA A 31 -2.09 5.96 0.82
N LEU A 32 -2.96 6.30 1.74
CA LEU A 32 -2.93 7.61 2.37
C LEU A 32 -1.62 7.95 3.09
N PRO A 33 -1.06 7.02 3.90
CA PRO A 33 0.20 7.44 4.56
C PRO A 33 1.25 7.91 3.55
N LEU A 34 1.44 7.16 2.47
CA LEU A 34 2.40 7.53 1.42
C LEU A 34 1.90 8.76 0.58
N ALA A 35 0.64 8.73 0.17
CA ALA A 35 0.12 9.83 -0.65
C ALA A 35 0.22 11.18 0.09
N LEU A 36 -0.11 11.22 1.39
CA LEU A 36 -0.10 12.48 2.14
C LEU A 36 1.33 12.96 2.37
N GLU A 37 2.31 12.10 2.17
CA GLU A 37 3.74 12.50 2.32
C GLU A 37 4.35 12.80 0.96
N GLY A 38 3.50 12.87 -0.07
CA GLY A 38 3.93 13.30 -1.39
C GLY A 38 4.55 12.25 -2.30
N LYS A 39 4.40 10.98 -1.95
CA LYS A 39 5.02 9.87 -2.67
C LYS A 39 4.14 9.35 -3.79
N ASP A 40 4.78 8.79 -4.81
CA ASP A 40 4.08 8.26 -5.99
C ASP A 40 3.49 6.88 -5.69
N LEU A 41 2.34 6.61 -6.29
CA LEU A 41 1.65 5.36 -6.06
C LEU A 41 0.92 4.90 -7.33
N ILE A 42 0.78 3.58 -7.49
CA ILE A 42 -0.09 2.99 -8.47
C ILE A 42 -1.18 2.20 -7.70
N GLY A 43 -2.44 2.55 -7.96
CA GLY A 43 -3.58 1.90 -7.34
C GLY A 43 -4.22 0.95 -8.36
N GLN A 44 -4.19 -0.35 -8.08
CA GLN A 44 -4.80 -1.28 -8.99
CA GLN A 44 -4.85 -1.29 -9.01
C GLN A 44 -6.18 -1.52 -8.39
N ALA A 45 -7.16 -0.91 -9.02
CA ALA A 45 -8.48 -0.77 -8.46
C ALA A 45 -9.44 -0.26 -9.52
N ARG A 46 -10.73 -0.52 -9.28
CA ARG A 46 -11.84 0.03 -10.09
CA ARG A 46 -11.80 0.06 -10.10
C ARG A 46 -12.81 0.80 -9.21
N THR A 47 -13.77 1.48 -9.81
CA THR A 47 -14.86 2.03 -9.01
C THR A 47 -15.48 0.89 -8.19
N GLY A 48 -15.84 1.23 -6.94
CA GLY A 48 -16.31 0.39 -5.87
C GLY A 48 -15.32 0.24 -4.73
N THR A 49 -14.04 0.60 -5.02
CA THR A 49 -12.96 0.45 -4.03
C THR A 49 -12.71 1.70 -3.15
N GLY A 50 -13.27 2.84 -3.55
CA GLY A 50 -12.95 4.12 -2.93
C GLY A 50 -11.68 4.83 -3.49
N LYS A 51 -11.28 4.50 -4.70
CA LYS A 51 -10.07 5.08 -5.27
C LYS A 51 -10.15 6.60 -5.42
N THR A 52 -11.36 7.15 -5.63
CA THR A 52 -11.44 8.59 -5.84
C THR A 52 -10.91 9.39 -4.64
N LEU A 53 -11.35 9.06 -3.41
CA LEU A 53 -10.90 9.79 -2.23
C LEU A 53 -9.41 9.53 -1.92
N ALA A 54 -8.90 8.40 -2.39
CA ALA A 54 -7.47 8.04 -2.27
C ALA A 54 -6.58 9.07 -2.97
N PHE A 55 -7.05 9.68 -4.06
CA PHE A 55 -6.30 10.84 -4.64
C PHE A 55 -6.86 12.21 -4.38
N ALA A 56 -8.16 12.31 -4.15
CA ALA A 56 -8.77 13.59 -3.81
C ALA A 56 -8.33 14.14 -2.43
N LEU A 57 -8.28 13.25 -1.43
CA LEU A 57 -7.81 13.68 -0.12
C LEU A 57 -6.40 14.28 -0.11
N PRO A 58 -5.42 13.60 -0.74
CA PRO A 58 -4.09 14.24 -0.81
C PRO A 58 -4.09 15.60 -1.52
N ILE A 59 -4.89 15.76 -2.57
CA ILE A 59 -4.93 17.07 -3.25
C ILE A 59 -5.50 18.12 -2.33
N ALA A 60 -6.60 17.78 -1.65
CA ALA A 60 -7.28 18.66 -0.75
C ALA A 60 -6.34 19.09 0.36
N GLU A 61 -5.57 18.15 0.87
CA GLU A 61 -4.69 18.44 1.98
C GLU A 61 -3.48 19.29 1.57
N ARG A 62 -2.93 19.00 0.42
CA ARG A 62 -1.68 19.60 -0.02
C ARG A 62 -1.83 21.08 -0.39
N LEU A 63 -2.91 21.39 -1.10
CA LEU A 63 -3.05 22.72 -1.71
C LEU A 63 -3.79 23.74 -0.85
N ALA A 64 -3.07 24.80 -0.47
CA ALA A 64 -3.67 25.96 0.21
C ALA A 64 -4.47 26.79 -0.81
N PRO A 65 -5.46 27.55 -0.36
CA PRO A 65 -6.15 28.40 -1.33
C PRO A 65 -5.26 29.53 -1.87
N SER A 66 -5.70 30.07 -2.99
CA SER A 66 -5.10 31.26 -3.58
C SER A 66 -6.18 32.03 -4.30
N GLN A 67 -6.12 33.36 -4.20
CA GLN A 67 -7.06 34.21 -4.94
C GLN A 67 -6.45 34.88 -6.19
N GLU A 68 -5.22 34.48 -6.53
CA GLU A 68 -4.46 35.07 -7.65
C GLU A 68 -5.14 34.94 -9.01
N ARG A 69 -5.44 36.09 -9.63
CA ARG A 69 -6.04 36.11 -10.96
C ARG A 69 -5.09 35.47 -11.96
N GLY A 70 -5.66 34.64 -12.82
CA GLY A 70 -4.93 33.97 -13.86
C GLY A 70 -4.05 32.82 -13.40
N ARG A 71 -4.11 32.44 -12.11
CA ARG A 71 -3.13 31.47 -11.61
C ARG A 71 -3.24 30.13 -12.33
N LYS A 72 -2.14 29.41 -12.38
CA LYS A 72 -2.07 28.10 -13.05
C LYS A 72 -2.38 26.96 -12.08
N PRO A 73 -2.96 25.87 -12.62
CA PRO A 73 -3.39 24.79 -11.74
C PRO A 73 -2.20 24.09 -11.08
N ARG A 74 -2.43 23.63 -9.86
CA ARG A 74 -1.42 22.90 -9.10
C ARG A 74 -1.70 21.39 -8.99
N ALA A 75 -2.87 20.97 -9.50
CA ALA A 75 -3.24 19.55 -9.62
C ALA A 75 -3.88 19.31 -10.96
N LEU A 76 -3.57 18.17 -11.54
CA LEU A 76 -4.14 17.75 -12.80
C LEU A 76 -4.63 16.33 -12.58
N VAL A 77 -5.87 16.07 -12.95
CA VAL A 77 -6.41 14.72 -12.95
C VAL A 77 -6.86 14.48 -14.37
N LEU A 78 -6.35 13.44 -15.00
CA LEU A 78 -6.81 12.99 -16.31
C LEU A 78 -7.74 11.80 -16.13
N THR A 79 -8.83 11.85 -16.91
CA THR A 79 -9.88 10.86 -16.91
CA THR A 79 -9.83 10.82 -16.90
C THR A 79 -10.35 10.60 -18.32
N PRO A 80 -10.91 9.41 -18.58
CA PRO A 80 -11.28 9.12 -19.96
C PRO A 80 -12.49 9.81 -20.53
N THR A 81 -13.47 10.08 -19.68
CA THR A 81 -14.71 10.65 -20.14
C THR A 81 -15.22 11.87 -19.39
N ARG A 82 -16.14 12.57 -20.05
CA ARG A 82 -16.95 13.63 -19.49
C ARG A 82 -17.63 13.17 -18.21
N GLU A 83 -18.25 11.97 -18.26
CA GLU A 83 -18.97 11.47 -17.10
C GLU A 83 -18.08 11.42 -15.87
N LEU A 84 -16.89 10.83 -16.05
CA LEU A 84 -15.96 10.63 -14.94
CA LEU A 84 -15.97 10.63 -14.93
C LEU A 84 -15.36 11.96 -14.50
N ALA A 85 -15.07 12.81 -15.46
CA ALA A 85 -14.50 14.13 -15.13
C ALA A 85 -15.48 14.85 -14.25
N LEU A 86 -16.77 14.81 -14.60
CA LEU A 86 -17.77 15.50 -13.77
C LEU A 86 -17.82 14.88 -12.39
N GLN A 87 -17.84 13.55 -12.29
CA GLN A 87 -17.85 12.86 -11.00
C GLN A 87 -16.64 13.24 -10.15
N VAL A 88 -15.46 13.16 -10.75
CA VAL A 88 -14.24 13.43 -9.99
C VAL A 88 -14.20 14.87 -9.54
N ALA A 89 -14.51 15.78 -10.46
CA ALA A 89 -14.51 17.22 -10.07
C ALA A 89 -15.48 17.45 -8.90
N SER A 90 -16.64 16.80 -8.92
CA SER A 90 -17.62 16.91 -7.82
CA SER A 90 -17.61 16.90 -7.83
C SER A 90 -17.05 16.45 -6.48
N GLU A 91 -16.37 15.32 -6.50
CA GLU A 91 -15.78 14.78 -5.31
C GLU A 91 -14.60 15.64 -4.86
N LEU A 92 -13.83 16.18 -5.79
CA LEU A 92 -12.71 17.06 -5.41
C LEU A 92 -13.26 18.33 -4.74
N THR A 93 -14.30 18.90 -5.29
CA THR A 93 -14.98 20.04 -4.61
C THR A 93 -15.57 19.70 -3.21
N ALA A 94 -16.11 18.51 -3.06
CA ALA A 94 -16.70 18.04 -1.79
C ALA A 94 -15.64 18.09 -0.67
N VAL A 95 -14.40 17.67 -0.94
CA VAL A 95 -13.36 17.65 0.09
C VAL A 95 -12.45 18.90 0.08
N ALA A 96 -12.53 19.70 -0.97
CA ALA A 96 -11.62 20.87 -1.11
C ALA A 96 -12.39 22.08 -1.63
N PRO A 97 -13.41 22.52 -0.90
CA PRO A 97 -14.26 23.60 -1.38
C PRO A 97 -13.51 24.91 -1.55
N HIS A 98 -12.34 25.01 -0.93
CA HIS A 98 -11.48 26.20 -1.01
C HIS A 98 -10.71 26.33 -2.33
N LEU A 99 -10.76 25.26 -3.16
CA LEU A 99 -10.01 25.21 -4.43
C LEU A 99 -10.93 25.44 -5.61
N LYS A 100 -10.43 26.12 -6.63
CA LYS A 100 -11.21 26.28 -7.86
C LYS A 100 -10.91 25.10 -8.72
N VAL A 101 -11.92 24.29 -8.94
CA VAL A 101 -11.77 23.11 -9.73
C VAL A 101 -12.43 23.27 -11.08
N VAL A 102 -11.70 22.99 -12.15
CA VAL A 102 -12.23 23.23 -13.50
C VAL A 102 -12.26 21.91 -14.22
N ALA A 103 -13.46 21.53 -14.68
CA ALA A 103 -13.61 20.31 -15.47
C ALA A 103 -13.46 20.68 -16.94
N VAL A 104 -12.67 19.89 -17.66
CA VAL A 104 -12.35 20.12 -19.06
C VAL A 104 -12.72 18.84 -19.80
N TYR A 105 -13.66 18.89 -20.75
CA TYR A 105 -14.02 17.65 -21.45
C TYR A 105 -14.59 17.97 -22.82
N GLY A 106 -14.61 16.94 -23.68
CA GLY A 106 -15.14 17.07 -25.02
C GLY A 106 -16.65 17.05 -25.10
N GLY A 107 -17.14 17.21 -26.32
CA GLY A 107 -18.59 17.11 -26.54
C GLY A 107 -19.32 18.35 -26.12
N THR A 108 -18.56 19.44 -25.94
CA THR A 108 -19.10 20.75 -25.56
C THR A 108 -18.31 21.90 -26.19
N GLY A 109 -18.75 23.11 -25.97
CA GLY A 109 -18.04 24.28 -26.46
C GLY A 109 -16.76 24.52 -25.69
N TYR A 110 -15.83 25.21 -26.34
CA TYR A 110 -14.59 25.69 -25.72
C TYR A 110 -14.76 26.81 -24.70
N GLY A 111 -15.74 27.68 -24.94
CA GLY A 111 -15.77 28.97 -24.30
C GLY A 111 -15.71 28.93 -22.79
N LYS A 112 -16.65 28.22 -22.18
CA LYS A 112 -16.77 28.10 -20.72
CA LYS A 112 -16.73 28.17 -20.72
C LYS A 112 -15.41 27.71 -20.11
N GLN A 113 -14.91 26.59 -20.60
CA GLN A 113 -13.68 26.03 -20.03
C GLN A 113 -12.46 26.93 -20.23
N LYS A 114 -12.32 27.47 -21.43
CA LYS A 114 -11.21 28.35 -21.72
C LYS A 114 -11.29 29.57 -20.81
N GLU A 115 -12.47 30.17 -20.69
CA GLU A 115 -12.72 31.30 -19.79
CA GLU A 115 -12.68 31.31 -19.80
C GLU A 115 -12.23 30.97 -18.39
N ALA A 116 -12.69 29.83 -17.87
CA ALA A 116 -12.37 29.44 -16.50
C ALA A 116 -10.87 29.29 -16.28
N LEU A 117 -10.20 28.67 -17.23
CA LEU A 117 -8.73 28.49 -17.12
C LEU A 117 -8.02 29.86 -17.13
N LEU A 118 -8.51 30.78 -17.96
CA LEU A 118 -7.89 32.10 -18.05
C LEU A 118 -8.10 32.86 -16.76
N ARG A 119 -9.27 32.69 -16.15
CA ARG A 119 -9.57 33.38 -14.86
C ARG A 119 -8.67 32.87 -13.72
N GLY A 120 -8.20 31.62 -13.80
CA GLY A 120 -7.38 31.03 -12.73
C GLY A 120 -8.00 29.72 -12.26
N ALA A 121 -7.17 28.75 -11.93
CA ALA A 121 -7.65 27.43 -11.46
C ALA A 121 -6.61 26.83 -10.57
N ASP A 122 -7.10 26.04 -9.60
CA ASP A 122 -6.24 25.30 -8.65
C ASP A 122 -6.12 23.85 -9.05
N ALA A 123 -7.20 23.28 -9.55
CA ALA A 123 -7.16 21.91 -10.03
C ALA A 123 -7.94 21.78 -11.31
N VAL A 124 -7.43 21.01 -12.26
CA VAL A 124 -8.12 20.75 -13.51
C VAL A 124 -8.38 19.24 -13.63
N VAL A 125 -9.63 18.85 -13.91
CA VAL A 125 -9.96 17.42 -14.14
C VAL A 125 -10.35 17.36 -15.58
N ALA A 126 -9.57 16.68 -16.39
CA ALA A 126 -9.75 16.79 -17.85
C ALA A 126 -9.68 15.46 -18.59
N THR A 127 -10.40 15.42 -19.69
CA THR A 127 -10.22 14.35 -20.69
C THR A 127 -8.99 14.72 -21.56
N PRO A 128 -8.23 13.72 -22.03
CA PRO A 128 -6.88 13.98 -22.56
C PRO A 128 -6.82 14.73 -23.92
N GLY A 129 -7.81 14.50 -24.75
CA GLY A 129 -7.84 15.13 -26.07
C GLY A 129 -8.01 16.63 -25.96
N ARG A 130 -9.04 17.03 -25.23
CA ARG A 130 -9.26 18.47 -25.07
CA ARG A 130 -9.29 18.44 -25.05
C ARG A 130 -8.16 19.09 -24.24
N ALA A 131 -7.67 18.39 -23.24
CA ALA A 131 -6.56 18.95 -22.45
C ALA A 131 -5.38 19.25 -23.36
N LEU A 132 -5.13 18.36 -24.34
CA LEU A 132 -3.92 18.55 -25.15
C LEU A 132 -4.13 19.75 -26.07
N ASP A 133 -5.34 19.90 -26.58
CA ASP A 133 -5.72 21.05 -27.42
CA ASP A 133 -5.69 21.08 -27.41
C ASP A 133 -5.40 22.36 -26.66
N TYR A 134 -5.84 22.44 -25.40
CA TYR A 134 -5.57 23.62 -24.58
C TYR A 134 -4.09 23.82 -24.24
N LEU A 135 -3.35 22.73 -24.06
CA LEU A 135 -1.94 22.79 -23.80
C LEU A 135 -1.28 23.45 -25.03
N ARG A 136 -1.58 22.90 -26.19
CA ARG A 136 -1.09 23.43 -27.49
C ARG A 136 -1.37 24.90 -27.66
N GLN A 137 -2.58 25.33 -27.31
CA GLN A 137 -2.95 26.74 -27.40
C GLN A 137 -2.26 27.64 -26.36
N GLY A 138 -1.82 27.05 -25.25
CA GLY A 138 -1.25 27.80 -24.14
C GLY A 138 -2.32 28.15 -23.14
N VAL A 139 -3.53 27.71 -23.40
CA VAL A 139 -4.64 27.96 -22.50
C VAL A 139 -4.43 27.21 -21.19
N LEU A 140 -3.96 25.97 -21.32
CA LEU A 140 -3.68 25.13 -20.14
C LEU A 140 -2.18 25.11 -19.95
N ASP A 141 -1.71 25.70 -18.85
CA ASP A 141 -0.31 25.77 -18.52
C ASP A 141 -0.10 24.80 -17.34
N LEU A 142 0.78 23.81 -17.51
CA LEU A 142 0.98 22.74 -16.50
C LEU A 142 2.27 22.92 -15.72
N SER A 143 2.90 24.09 -15.84
CA SER A 143 4.25 24.31 -15.34
C SER A 143 4.29 24.32 -13.84
N ARG A 144 3.13 24.48 -13.20
CA ARG A 144 3.06 24.55 -11.73
C ARG A 144 2.41 23.33 -11.09
N VAL A 145 2.13 22.30 -11.88
CA VAL A 145 1.46 21.09 -11.34
C VAL A 145 2.31 20.40 -10.26
N GLU A 146 1.68 20.20 -9.09
CA GLU A 146 2.33 19.52 -7.95
C GLU A 146 1.86 18.05 -7.81
N VAL A 147 0.65 17.79 -8.29
CA VAL A 147 0.06 16.43 -8.26
C VAL A 147 -0.60 16.16 -9.61
N ALA A 148 -0.22 15.04 -10.19
CA ALA A 148 -0.79 14.57 -11.45
C ALA A 148 -1.40 13.21 -11.17
N VAL A 149 -2.67 13.04 -11.51
CA VAL A 149 -3.38 11.78 -11.36
C VAL A 149 -3.88 11.24 -12.69
N LEU A 150 -3.64 9.95 -12.93
CA LEU A 150 -4.16 9.29 -14.13
CA LEU A 150 -4.16 9.28 -14.13
C LEU A 150 -5.23 8.36 -13.64
N ASP A 151 -6.49 8.79 -13.80
CA ASP A 151 -7.61 7.97 -13.32
CA ASP A 151 -7.66 8.02 -13.35
C ASP A 151 -8.12 7.05 -14.46
N GLU A 152 -8.31 5.76 -14.16
CA GLU A 152 -8.79 4.80 -15.13
CA GLU A 152 -8.86 4.84 -15.17
C GLU A 152 -7.93 4.79 -16.40
N ALA A 153 -6.66 4.56 -16.16
CA ALA A 153 -5.66 4.51 -17.22
C ALA A 153 -5.99 3.45 -18.29
N ASP A 154 -6.53 2.30 -17.87
CA ASP A 154 -6.88 1.27 -18.90
C ASP A 154 -7.92 1.77 -19.89
N GLU A 155 -8.89 2.52 -19.41
CA GLU A 155 -9.91 3.05 -20.28
C GLU A 155 -9.29 4.12 -21.17
N MET A 156 -8.39 4.94 -20.61
CA MET A 156 -7.74 5.97 -21.43
C MET A 156 -6.99 5.28 -22.60
N LEU A 157 -6.35 4.15 -22.27
CA LEU A 157 -5.64 3.36 -23.26
C LEU A 157 -6.63 2.85 -24.29
N SER A 158 -7.71 2.26 -23.81
CA SER A 158 -8.66 1.59 -24.71
C SER A 158 -9.33 2.56 -25.70
N MET A 159 -9.39 3.84 -25.31
CA MET A 159 -9.97 4.91 -26.14
CA MET A 159 -10.02 4.88 -26.14
C MET A 159 -9.01 5.61 -27.06
N GLY A 160 -7.74 5.26 -26.95
CA GLY A 160 -6.74 5.80 -27.83
C GLY A 160 -6.04 7.03 -27.33
N PHE A 161 -6.05 7.27 -26.00
CA PHE A 161 -5.46 8.49 -25.43
C PHE A 161 -3.98 8.36 -24.99
N GLU A 162 -3.32 7.28 -25.41
CA GLU A 162 -1.95 7.03 -24.94
CA GLU A 162 -1.97 7.02 -24.94
C GLU A 162 -1.07 8.23 -25.24
N GLU A 163 -1.16 8.76 -26.46
CA GLU A 163 -0.25 9.80 -26.89
C GLU A 163 -0.51 11.10 -26.15
N GLU A 164 -1.80 11.39 -25.96
CA GLU A 164 -2.21 12.65 -25.33
C GLU A 164 -1.77 12.65 -23.85
N VAL A 165 -2.03 11.53 -23.19
CA VAL A 165 -1.62 11.38 -21.81
C VAL A 165 -0.12 11.51 -21.60
N GLU A 166 0.67 10.83 -22.43
CA GLU A 166 2.14 10.95 -22.36
C GLU A 166 2.59 12.39 -22.58
N ALA A 167 2.02 13.07 -23.57
CA ALA A 167 2.42 14.41 -23.86
C ALA A 167 2.05 15.39 -22.70
N LEU A 168 0.88 15.19 -22.12
CA LEU A 168 0.45 16.04 -21.00
C LEU A 168 1.38 15.84 -19.77
N LEU A 169 1.70 14.58 -19.44
CA LEU A 169 2.65 14.32 -18.37
C LEU A 169 4.04 14.89 -18.70
N SER A 170 4.47 14.74 -19.94
CA SER A 170 5.77 15.31 -20.37
C SER A 170 5.84 16.81 -20.15
N ALA A 171 4.70 17.50 -20.14
CA ALA A 171 4.65 18.95 -19.94
C ALA A 171 4.59 19.40 -18.49
N THR A 172 4.37 18.48 -17.55
CA THR A 172 4.40 18.83 -16.12
C THR A 172 5.82 18.69 -15.59
N PRO A 173 6.11 19.36 -14.47
CA PRO A 173 7.43 19.32 -13.85
C PRO A 173 7.67 17.99 -13.18
N PRO A 174 8.84 17.39 -13.40
CA PRO A 174 9.12 16.09 -12.85
C PRO A 174 9.17 16.05 -11.32
N SER A 175 9.17 17.21 -10.66
CA SER A 175 9.12 17.33 -9.21
C SER A 175 7.75 16.93 -8.62
N ARG A 176 6.74 16.87 -9.50
CA ARG A 176 5.35 16.53 -9.11
C ARG A 176 5.28 15.16 -8.44
N GLN A 177 4.22 14.97 -7.64
CA GLN A 177 3.72 13.64 -7.24
C GLN A 177 2.82 13.10 -8.34
N THR A 178 2.95 11.83 -8.71
CA THR A 178 2.09 11.23 -9.72
C THR A 178 1.41 9.98 -9.09
N LEU A 179 0.10 9.92 -9.26
CA LEU A 179 -0.72 8.78 -8.77
C LEU A 179 -1.39 8.19 -10.04
N LEU A 180 -1.26 6.89 -10.22
CA LEU A 180 -1.72 6.18 -11.40
C LEU A 180 -2.71 5.09 -10.99
N PHE A 181 -3.92 5.14 -11.55
CA PHE A 181 -4.97 4.10 -11.28
C PHE A 181 -5.20 3.31 -12.53
N SER A 182 -4.97 2.00 -12.47
CA SER A 182 -5.01 1.07 -13.65
C SER A 182 -5.43 -0.30 -13.10
N ALA A 183 -6.59 -0.78 -13.52
CA ALA A 183 -7.10 -2.05 -13.00
C ALA A 183 -6.24 -3.24 -13.38
N THR A 184 -5.67 -3.23 -14.59
CA THR A 184 -4.98 -4.41 -15.13
C THR A 184 -3.47 -4.27 -15.42
N LEU A 185 -2.94 -3.06 -15.24
CA LEU A 185 -1.54 -2.76 -15.48
C LEU A 185 -1.01 -3.37 -16.79
N PRO A 186 -1.61 -2.96 -17.93
CA PRO A 186 -1.16 -3.38 -19.23
C PRO A 186 0.22 -2.83 -19.50
N SER A 187 0.82 -3.26 -20.62
CA SER A 187 2.16 -2.82 -20.92
CA SER A 187 2.14 -2.82 -20.97
C SER A 187 2.30 -1.30 -20.95
N TRP A 188 1.29 -0.59 -21.47
CA TRP A 188 1.38 0.86 -21.52
C TRP A 188 1.51 1.48 -20.13
N ALA A 189 0.71 0.97 -19.20
CA ALA A 189 0.77 1.45 -17.79
C ALA A 189 2.15 1.23 -17.17
N LYS A 190 2.74 0.07 -17.44
CA LYS A 190 4.09 -0.19 -16.96
C LYS A 190 5.09 0.82 -17.56
N ARG A 191 4.92 1.15 -18.85
CA ARG A 191 5.74 2.18 -19.49
C ARG A 191 5.61 3.54 -18.77
N LEU A 192 4.38 3.91 -18.44
CA LEU A 192 4.13 5.18 -17.76
C LEU A 192 4.80 5.18 -16.40
N ALA A 193 4.73 4.05 -15.71
CA ALA A 193 5.29 3.99 -14.38
C ALA A 193 6.81 4.20 -14.44
N GLU A 194 7.44 3.57 -15.44
CA GLU A 194 8.88 3.68 -15.59
C GLU A 194 9.29 5.10 -15.99
N ARG A 195 8.58 5.70 -16.95
CA ARG A 195 8.94 7.02 -17.50
CA ARG A 195 8.98 7.01 -17.49
C ARG A 195 8.57 8.21 -16.63
N TYR A 196 7.39 8.14 -16.02
CA TYR A 196 6.81 9.28 -15.35
C TYR A 196 6.58 9.16 -13.84
N MET A 197 7.04 8.09 -13.19
CA MET A 197 6.87 7.99 -11.75
C MET A 197 8.20 7.73 -11.09
N LYS A 198 8.26 8.02 -9.79
CA LYS A 198 9.48 7.87 -9.03
C LYS A 198 9.27 6.86 -7.91
N ASN A 199 9.90 5.70 -8.05
CA ASN A 199 9.85 4.62 -7.06
C ASN A 199 8.43 4.38 -6.58
N PRO A 200 7.51 4.16 -7.53
CA PRO A 200 6.10 4.11 -7.09
C PRO A 200 5.85 2.83 -6.26
N VAL A 201 5.01 2.93 -5.23
CA VAL A 201 4.47 1.74 -4.57
C VAL A 201 3.14 1.35 -5.24
N LEU A 202 3.05 0.09 -5.62
CA LEU A 202 1.86 -0.48 -6.25
C LEU A 202 1.02 -1.15 -5.17
N ILE A 203 -0.28 -0.83 -5.17
CA ILE A 203 -1.24 -1.35 -4.20
C ILE A 203 -2.36 -1.97 -5.01
N ASN A 204 -2.49 -3.30 -4.95
CA ASN A 204 -3.49 -4.02 -5.73
C ASN A 204 -4.53 -4.62 -4.80
N VAL A 205 -5.77 -4.12 -4.92
CA VAL A 205 -6.90 -4.57 -4.11
C VAL A 205 -7.94 -5.39 -4.90
N ILE A 206 -7.61 -5.83 -6.12
CA ILE A 206 -8.66 -6.49 -6.93
C ILE A 206 -8.16 -7.71 -7.63
N LYS A 207 -7.17 -8.39 -7.04
N MET B 1 3.82 9.91 7.79
CA MET B 1 3.37 9.57 9.19
C MET B 1 4.52 8.87 9.90
N GLU B 2 4.59 9.07 11.21
CA GLU B 2 5.54 8.45 12.11
CA GLU B 2 5.56 8.41 12.05
C GLU B 2 4.92 7.21 12.74
N PHE B 3 5.75 6.29 13.25
CA PHE B 3 5.18 5.13 13.97
C PHE B 3 4.15 5.51 15.03
N LYS B 4 4.36 6.63 15.74
CA LYS B 4 3.43 7.01 16.81
C LYS B 4 2.03 7.31 16.30
N ASP B 5 1.90 7.53 15.00
CA ASP B 5 0.64 7.88 14.40
C ASP B 5 -0.17 6.63 14.06
N PHE B 6 0.48 5.49 14.15
CA PHE B 6 -0.17 4.20 13.87
C PHE B 6 -0.68 3.55 15.15
N PRO B 7 -1.69 2.68 15.05
CA PRO B 7 -2.25 2.13 16.29
C PRO B 7 -1.36 1.03 16.87
N LEU B 8 -0.34 1.50 17.59
CA LEU B 8 0.63 0.62 18.22
C LEU B 8 0.73 0.92 19.72
N LYS B 9 0.83 -0.14 20.52
CA LYS B 9 0.91 -0.02 21.97
C LYS B 9 2.10 0.85 22.41
N PRO B 10 1.92 1.65 23.50
CA PRO B 10 3.03 2.50 23.99
C PRO B 10 4.38 1.79 24.15
N GLU B 11 4.34 0.57 24.68
CA GLU B 11 5.55 -0.25 24.85
C GLU B 11 6.28 -0.60 23.56
N ILE B 12 5.52 -0.82 22.50
CA ILE B 12 6.07 -1.08 21.19
C ILE B 12 6.73 0.19 20.66
N LEU B 13 6.03 1.31 20.75
CA LEU B 13 6.63 2.57 20.27
C LEU B 13 7.94 2.91 21.03
N GLU B 14 7.90 2.77 22.35
CA GLU B 14 9.09 2.94 23.20
C GLU B 14 10.26 2.11 22.71
N ALA B 15 10.00 0.84 22.37
CA ALA B 15 11.04 0.00 21.84
C ALA B 15 11.55 0.48 20.51
N LEU B 16 10.64 0.94 19.66
CA LEU B 16 11.02 1.45 18.35
C LEU B 16 11.94 2.68 18.53
N HIS B 17 11.49 3.60 19.38
CA HIS B 17 12.22 4.87 19.58
C HIS B 17 13.63 4.57 20.05
N GLY B 18 13.71 3.64 21.00
CA GLY B 18 15.00 3.25 21.60
C GLY B 18 15.95 2.68 20.57
N ARG B 19 15.40 1.96 19.61
CA ARG B 19 16.18 1.43 18.49
C ARG B 19 16.37 2.41 17.30
N GLY B 20 16.05 3.68 17.51
CA GLY B 20 16.37 4.66 16.46
C GLY B 20 15.40 4.65 15.29
N LEU B 21 14.20 4.12 15.51
CA LEU B 21 13.18 3.96 14.45
C LEU B 21 11.95 4.82 14.72
N THR B 22 11.72 5.78 13.83
CA THR B 22 10.66 6.77 14.02
C THR B 22 9.64 6.85 12.86
N THR B 23 10.10 6.59 11.66
CA THR B 23 9.29 6.80 10.45
C THR B 23 9.26 5.55 9.58
N PRO B 24 8.06 5.04 9.30
CA PRO B 24 8.07 3.80 8.50
C PRO B 24 8.62 3.94 7.12
N THR B 25 9.29 2.88 6.66
CA THR B 25 9.66 2.76 5.26
C THR B 25 8.40 2.56 4.40
N PRO B 26 8.53 2.72 3.06
CA PRO B 26 7.34 2.62 2.20
C PRO B 26 6.55 1.33 2.35
N ILE B 27 7.21 0.19 2.40
CA ILE B 27 6.47 -1.08 2.56
C ILE B 27 5.78 -1.10 3.89
N GLN B 28 6.42 -0.54 4.92
CA GLN B 28 5.79 -0.45 6.22
C GLN B 28 4.58 0.54 6.23
N ALA B 29 4.75 1.72 5.64
CA ALA B 29 3.72 2.74 5.69
C ALA B 29 2.47 2.28 4.92
N ALA B 30 2.66 1.52 3.85
CA ALA B 30 1.51 0.98 3.05
C ALA B 30 0.92 -0.30 3.70
N ALA B 31 1.75 -1.14 4.29
CA ALA B 31 1.27 -2.44 4.81
C ALA B 31 0.63 -2.33 6.19
N LEU B 32 1.19 -1.52 7.08
CA LEU B 32 0.72 -1.50 8.45
C LEU B 32 -0.77 -1.19 8.61
N PRO B 33 -1.31 -0.20 7.85
CA PRO B 33 -2.74 0.08 8.08
C PRO B 33 -3.62 -1.16 7.84
N LEU B 34 -3.20 -2.05 6.94
CA LEU B 34 -4.02 -3.25 6.61
C LEU B 34 -3.62 -4.41 7.53
N ALA B 35 -2.33 -4.65 7.63
CA ALA B 35 -1.85 -5.72 8.52
C ALA B 35 -2.27 -5.56 9.98
N LEU B 36 -2.27 -4.33 10.51
CA LEU B 36 -2.69 -4.10 11.90
C LEU B 36 -4.18 -4.33 12.12
N GLU B 37 -4.93 -4.34 11.01
CA GLU B 37 -6.37 -4.62 11.03
C GLU B 37 -6.65 -6.11 10.84
N GLY B 38 -5.61 -6.93 10.83
CA GLY B 38 -5.78 -8.37 10.73
C GLY B 38 -5.92 -8.91 9.33
N LYS B 39 -5.71 -8.08 8.31
CA LYS B 39 -5.90 -8.50 6.93
C LYS B 39 -4.68 -9.23 6.39
N ASP B 40 -4.92 -10.16 5.47
CA ASP B 40 -3.82 -10.83 4.79
C ASP B 40 -3.20 -9.92 3.77
N LEU B 41 -1.89 -10.08 3.60
CA LEU B 41 -1.24 -9.32 2.55
C LEU B 41 0.00 -9.99 1.98
N ILE B 42 0.31 -9.61 0.74
CA ILE B 42 1.52 -9.99 0.08
C ILE B 42 2.38 -8.74 -0.06
N GLY B 43 3.63 -8.82 0.38
CA GLY B 43 4.59 -7.71 0.36
C GLY B 43 5.69 -8.14 -0.58
N GLN B 44 5.88 -7.36 -1.63
CA GLN B 44 6.90 -7.64 -2.61
C GLN B 44 7.90 -6.46 -2.54
N ALA B 45 9.13 -6.65 -2.03
CA ALA B 45 10.10 -5.52 -2.02
C ALA B 45 11.54 -6.01 -1.96
N ARG B 46 12.46 -5.23 -2.54
CA ARG B 46 13.90 -5.57 -2.45
C ARG B 46 14.24 -5.80 -0.98
N THR B 47 15.20 -6.68 -0.68
CA THR B 47 15.63 -6.86 0.72
C THR B 47 16.32 -5.56 1.24
N GLY B 48 16.28 -5.30 2.54
CA GLY B 48 16.74 -3.98 3.05
C GLY B 48 15.79 -2.77 2.83
N THR B 49 14.54 -3.06 2.44
CA THR B 49 13.44 -2.08 2.36
C THR B 49 12.60 -2.02 3.67
N GLY B 50 12.93 -2.85 4.63
CA GLY B 50 12.22 -2.86 5.90
C GLY B 50 11.06 -3.84 6.03
N LYS B 51 11.18 -4.95 5.31
CA LYS B 51 10.11 -5.94 5.27
C LYS B 51 9.86 -6.56 6.65
N THR B 52 10.94 -6.78 7.40
CA THR B 52 10.79 -7.49 8.65
C THR B 52 9.81 -6.77 9.58
N LEU B 53 9.93 -5.45 9.72
CA LEU B 53 9.02 -4.79 10.63
C LEU B 53 7.57 -4.78 10.16
N ALA B 54 7.40 -4.91 8.85
CA ALA B 54 6.07 -4.88 8.25
C ALA B 54 5.24 -6.08 8.75
N PHE B 55 5.92 -7.18 9.15
CA PHE B 55 5.23 -8.30 9.80
C PHE B 55 5.50 -8.42 11.28
N ALA B 56 6.68 -8.00 11.75
CA ALA B 56 6.96 -8.02 13.17
C ALA B 56 6.04 -7.14 14.01
N LEU B 57 5.76 -5.91 13.52
CA LEU B 57 4.93 -4.98 14.29
C LEU B 57 3.48 -5.53 14.41
N PRO B 58 2.90 -6.02 13.29
CA PRO B 58 1.60 -6.69 13.44
C PRO B 58 1.59 -7.83 14.48
N ILE B 59 2.59 -8.69 14.45
CA ILE B 59 2.69 -9.78 15.45
C ILE B 59 2.73 -9.18 16.87
N ALA B 60 3.61 -8.21 17.07
CA ALA B 60 3.76 -7.53 18.37
C ALA B 60 2.48 -6.89 18.87
N GLU B 61 1.77 -6.22 17.97
CA GLU B 61 0.58 -5.49 18.34
C GLU B 61 -0.57 -6.45 18.62
N ARG B 62 -0.68 -7.46 17.79
CA ARG B 62 -1.83 -8.37 17.87
C ARG B 62 -1.79 -9.23 19.14
N LEU B 63 -0.60 -9.67 19.55
CA LEU B 63 -0.49 -10.66 20.62
C LEU B 63 -0.33 -9.99 21.99
N ALA B 64 -1.23 -10.30 22.91
CA ALA B 64 -1.04 -9.93 24.33
C ALA B 64 -0.07 -10.88 24.99
N PRO B 65 0.58 -10.44 26.09
CA PRO B 65 1.57 -11.27 26.75
C PRO B 65 0.94 -12.49 27.48
N SER B 66 1.78 -13.47 27.81
CA SER B 66 1.33 -14.66 28.53
C SER B 66 2.50 -15.24 29.30
N GLN B 67 2.25 -15.63 30.55
CA GLN B 67 3.26 -16.19 31.43
CA GLN B 67 3.28 -16.20 31.41
C GLN B 67 3.07 -17.69 31.63
N GLU B 68 2.10 -18.27 30.93
CA GLU B 68 1.72 -19.66 31.13
C GLU B 68 2.78 -20.63 30.60
N ARG B 69 3.21 -21.52 31.47
CA ARG B 69 4.37 -22.33 31.23
C ARG B 69 3.99 -23.33 30.16
N GLY B 70 4.92 -23.62 29.25
CA GLY B 70 4.69 -24.56 28.16
C GLY B 70 3.67 -24.12 27.12
N ARG B 71 3.34 -22.83 27.07
CA ARG B 71 2.28 -22.36 26.19
C ARG B 71 2.72 -22.53 24.74
N LYS B 72 1.75 -22.66 23.84
CA LYS B 72 2.06 -22.94 22.43
C LYS B 72 2.13 -21.60 21.69
N PRO B 73 2.91 -21.53 20.61
CA PRO B 73 3.11 -20.22 19.93
C PRO B 73 1.84 -19.72 19.26
N ARG B 74 1.67 -18.39 19.23
CA ARG B 74 0.53 -17.75 18.55
C ARG B 74 0.93 -17.08 17.21
N ALA B 75 2.22 -17.10 16.91
CA ALA B 75 2.73 -16.68 15.63
C ALA B 75 3.81 -17.63 15.16
N LEU B 76 3.87 -17.84 13.85
CA LEU B 76 4.92 -18.60 13.23
C LEU B 76 5.46 -17.80 12.06
N VAL B 77 6.79 -17.65 12.01
CA VAL B 77 7.47 -17.07 10.88
C VAL B 77 8.38 -18.11 10.28
N LEU B 78 8.25 -18.39 8.99
CA LEU B 78 9.14 -19.30 8.30
C LEU B 78 10.08 -18.53 7.43
N THR B 79 11.36 -18.91 7.47
CA THR B 79 12.41 -18.24 6.70
CA THR B 79 12.45 -18.25 6.74
C THR B 79 13.30 -19.32 6.08
N PRO B 80 13.96 -19.00 4.96
CA PRO B 80 14.68 -20.07 4.27
C PRO B 80 16.00 -20.54 4.93
N THR B 81 16.66 -19.67 5.67
CA THR B 81 17.97 -19.96 6.23
C THR B 81 18.07 -19.72 7.71
N ARG B 82 19.06 -20.37 8.32
CA ARG B 82 19.42 -20.13 9.69
C ARG B 82 19.80 -18.70 9.90
N GLU B 83 20.57 -18.12 8.97
CA GLU B 83 21.01 -16.73 9.16
C GLU B 83 19.78 -15.82 9.27
N LEU B 84 18.82 -15.99 8.38
CA LEU B 84 17.62 -15.12 8.40
CA LEU B 84 17.63 -15.12 8.40
C LEU B 84 16.73 -15.40 9.61
N ALA B 85 16.65 -16.67 10.00
CA ALA B 85 15.86 -17.00 11.17
C ALA B 85 16.43 -16.25 12.38
N LEU B 86 17.76 -16.23 12.50
CA LEU B 86 18.39 -15.58 13.63
C LEU B 86 18.14 -14.07 13.56
N GLN B 87 18.27 -13.50 12.36
CA GLN B 87 18.06 -12.07 12.19
C GLN B 87 16.61 -11.65 12.50
N VAL B 88 15.66 -12.37 11.93
CA VAL B 88 14.26 -12.06 12.14
C VAL B 88 13.89 -12.23 13.59
N ALA B 89 14.42 -13.28 14.25
CA ALA B 89 14.11 -13.50 15.64
C ALA B 89 14.63 -12.35 16.49
N SER B 90 15.85 -11.89 16.15
CA SER B 90 16.44 -10.75 16.86
C SER B 90 15.54 -9.53 16.79
N GLU B 91 15.08 -9.21 15.59
CA GLU B 91 14.25 -8.04 15.38
C GLU B 91 12.89 -8.18 16.07
N LEU B 92 12.26 -9.35 15.94
CA LEU B 92 10.95 -9.57 16.56
C LEU B 92 11.02 -9.52 18.11
N THR B 93 12.04 -10.15 18.68
CA THR B 93 12.30 -10.04 20.14
C THR B 93 12.35 -8.57 20.58
N ALA B 94 13.03 -7.76 19.77
CA ALA B 94 13.35 -6.36 20.05
C ALA B 94 12.14 -5.46 19.93
N VAL B 95 11.26 -5.67 18.94
CA VAL B 95 10.02 -4.86 18.94
C VAL B 95 8.79 -5.48 19.61
N ALA B 96 8.90 -6.75 20.03
CA ALA B 96 7.86 -7.39 20.84
C ALA B 96 8.44 -7.80 22.19
N PRO B 97 8.87 -6.81 22.99
CA PRO B 97 9.52 -7.16 24.26
C PRO B 97 8.64 -7.94 25.24
N HIS B 98 7.32 -7.87 25.07
CA HIS B 98 6.37 -8.55 25.93
C HIS B 98 6.15 -10.01 25.53
N LEU B 99 6.77 -10.42 24.43
CA LEU B 99 6.61 -11.76 23.86
C LEU B 99 7.88 -12.60 23.96
N LYS B 100 7.73 -13.91 24.13
CA LYS B 100 8.86 -14.83 24.10
C LYS B 100 8.98 -15.39 22.70
N VAL B 101 10.11 -15.16 22.08
CA VAL B 101 10.37 -15.58 20.71
C VAL B 101 11.41 -16.67 20.75
N VAL B 102 11.11 -17.81 20.09
CA VAL B 102 11.98 -18.95 20.06
C VAL B 102 12.35 -19.20 18.60
N ALA B 103 13.64 -19.20 18.32
CA ALA B 103 14.14 -19.48 16.98
C ALA B 103 14.48 -20.97 16.85
N VAL B 104 14.13 -21.59 15.73
CA VAL B 104 14.63 -22.91 15.45
C VAL B 104 15.22 -23.03 14.05
N TYR B 105 16.32 -23.78 13.93
CA TYR B 105 17.10 -23.83 12.71
C TYR B 105 18.09 -25.00 12.77
N GLY B 106 18.75 -25.30 11.65
CA GLY B 106 19.63 -26.43 11.55
C GLY B 106 21.00 -26.08 12.05
N GLY B 107 21.97 -26.95 11.83
CA GLY B 107 23.35 -26.66 12.19
C GLY B 107 23.62 -26.88 13.66
N THR B 108 22.69 -27.51 14.35
CA THR B 108 22.87 -27.84 15.74
C THR B 108 21.90 -28.96 16.12
N GLY B 109 22.10 -29.56 17.29
CA GLY B 109 21.21 -30.59 17.77
C GLY B 109 19.79 -30.14 18.10
N TYR B 110 18.94 -31.03 18.60
CA TYR B 110 17.58 -30.71 18.95
C TYR B 110 17.37 -30.22 20.39
N GLY B 111 18.34 -30.51 21.26
CA GLY B 111 18.07 -30.46 22.68
C GLY B 111 17.70 -29.10 23.23
N LYS B 112 18.50 -28.10 22.93
CA LYS B 112 18.20 -26.73 23.43
C LYS B 112 16.92 -26.15 22.85
N GLN B 113 16.67 -26.39 21.58
CA GLN B 113 15.44 -25.90 20.92
C GLN B 113 14.17 -26.52 21.49
N LYS B 114 14.22 -27.84 21.70
CA LYS B 114 13.08 -28.53 22.31
C LYS B 114 12.77 -28.02 23.73
N GLU B 115 13.83 -27.81 24.51
CA GLU B 115 13.76 -27.24 25.84
C GLU B 115 13.11 -25.89 25.81
N ALA B 116 13.55 -25.03 24.91
CA ALA B 116 12.83 -23.72 24.74
C ALA B 116 11.36 -23.85 24.42
N LEU B 117 11.02 -24.72 23.49
CA LEU B 117 9.63 -24.87 23.07
C LEU B 117 8.79 -25.44 24.21
N LEU B 118 9.37 -26.36 24.97
CA LEU B 118 8.71 -26.90 26.13
C LEU B 118 8.41 -25.86 27.22
N ARG B 119 9.34 -24.95 27.49
CA ARG B 119 9.12 -23.89 28.46
C ARG B 119 7.97 -22.97 28.09
N GLY B 120 7.71 -22.83 26.78
CA GLY B 120 6.64 -21.97 26.28
C GLY B 120 7.19 -20.93 25.31
N ALA B 121 6.35 -20.57 24.34
CA ALA B 121 6.74 -19.61 23.31
C ALA B 121 5.51 -18.87 22.79
N ASP B 122 5.67 -17.57 22.52
CA ASP B 122 4.60 -16.82 21.92
C ASP B 122 4.76 -16.72 20.41
N ALA B 123 6.00 -16.67 19.93
CA ALA B 123 6.28 -16.75 18.50
C ALA B 123 7.44 -17.66 18.24
N VAL B 124 7.37 -18.40 17.14
CA VAL B 124 8.47 -19.20 16.69
C VAL B 124 8.91 -18.70 15.32
N VAL B 125 10.22 -18.56 15.15
CA VAL B 125 10.79 -18.21 13.85
C VAL B 125 11.65 -19.38 13.47
N ALA B 126 11.34 -19.97 12.33
CA ALA B 126 11.91 -21.29 12.02
C ALA B 126 12.26 -21.45 10.57
N THR B 127 13.29 -22.25 10.29
CA THR B 127 13.50 -22.78 8.95
C THR B 127 12.54 -23.99 8.76
N PRO B 128 12.05 -24.19 7.53
CA PRO B 128 10.94 -25.11 7.36
C PRO B 128 11.23 -26.61 7.61
N GLY B 129 12.42 -27.07 7.26
CA GLY B 129 12.81 -28.46 7.56
C GLY B 129 12.78 -28.78 9.04
N ARG B 130 13.46 -27.95 9.83
CA ARG B 130 13.51 -28.09 11.31
C ARG B 130 12.09 -27.96 11.93
N ALA B 131 11.31 -26.98 11.46
CA ALA B 131 9.97 -26.77 12.03
C ALA B 131 9.12 -28.02 11.81
N LEU B 132 9.19 -28.58 10.62
CA LEU B 132 8.35 -29.76 10.26
C LEU B 132 8.81 -30.97 11.07
N ASP B 133 10.12 -31.09 11.22
CA ASP B 133 10.73 -32.11 12.12
C ASP B 133 10.05 -32.08 13.48
N TYR B 134 10.02 -30.89 14.11
CA TYR B 134 9.39 -30.74 15.40
C TYR B 134 7.87 -30.90 15.42
N LEU B 135 7.22 -30.52 14.32
CA LEU B 135 5.80 -30.70 14.20
C LEU B 135 5.54 -32.21 14.25
N ARG B 136 6.28 -32.95 13.44
CA ARG B 136 6.15 -34.42 13.40
C ARG B 136 6.42 -35.07 14.77
N GLN B 137 7.45 -34.58 15.46
CA GLN B 137 7.78 -35.08 16.81
C GLN B 137 6.77 -34.75 17.91
N GLY B 138 5.88 -33.80 17.67
CA GLY B 138 4.92 -33.40 18.66
C GLY B 138 5.36 -32.30 19.61
N VAL B 139 6.53 -31.72 19.32
CA VAL B 139 7.09 -30.73 20.23
CA VAL B 139 7.21 -30.73 20.14
C VAL B 139 6.75 -29.32 19.78
N LEU B 140 6.58 -29.12 18.48
CA LEU B 140 6.07 -27.85 17.97
C LEU B 140 4.55 -27.99 17.75
N ASP B 141 3.79 -27.22 18.50
CA ASP B 141 2.34 -27.24 18.39
C ASP B 141 1.87 -25.96 17.71
N LEU B 142 1.20 -26.13 16.57
CA LEU B 142 0.76 -25.00 15.72
C LEU B 142 -0.75 -24.73 15.75
N SER B 143 -1.43 -25.42 16.66
CA SER B 143 -2.87 -25.35 16.81
C SER B 143 -3.40 -24.01 17.28
N ARG B 144 -2.54 -23.12 17.80
CA ARG B 144 -2.97 -21.82 18.33
CA ARG B 144 -2.96 -21.83 18.33
C ARG B 144 -2.44 -20.66 17.50
N VAL B 145 -1.80 -20.96 16.39
CA VAL B 145 -1.25 -19.90 15.56
C VAL B 145 -2.34 -18.97 15.03
N GLU B 146 -2.17 -17.67 15.31
CA GLU B 146 -3.07 -16.61 14.86
C GLU B 146 -2.52 -15.82 13.66
N VAL B 147 -1.19 -15.80 13.52
CA VAL B 147 -0.48 -15.10 12.46
C VAL B 147 0.65 -16.00 11.97
N ALA B 148 0.64 -16.28 10.68
CA ALA B 148 1.66 -16.99 9.97
C ALA B 148 2.29 -16.07 8.94
N VAL B 149 3.63 -16.05 8.93
CA VAL B 149 4.41 -15.27 8.00
C VAL B 149 5.33 -16.17 7.18
N LEU B 150 5.33 -15.98 5.86
CA LEU B 150 6.27 -16.59 4.96
C LEU B 150 7.23 -15.49 4.55
N ASP B 151 8.45 -15.55 5.04
CA ASP B 151 9.47 -14.55 4.73
C ASP B 151 10.41 -15.07 3.62
N GLU B 152 10.57 -14.28 2.58
CA GLU B 152 11.30 -14.67 1.39
C GLU B 152 10.87 -15.96 0.80
N ALA B 153 9.59 -15.97 0.41
CA ALA B 153 8.97 -17.13 -0.17
C ALA B 153 9.72 -17.64 -1.41
N ASP B 154 10.30 -16.74 -2.19
CA ASP B 154 10.94 -17.17 -3.42
C ASP B 154 12.28 -17.87 -3.09
N GLU B 155 12.97 -17.46 -2.03
CA GLU B 155 14.17 -18.21 -1.58
C GLU B 155 13.77 -19.58 -0.97
N MET B 156 12.63 -19.64 -0.27
CA MET B 156 12.14 -20.92 0.27
C MET B 156 11.80 -21.87 -0.88
N LEU B 157 11.31 -21.32 -1.99
CA LEU B 157 11.14 -22.11 -3.22
C LEU B 157 12.48 -22.56 -3.81
N SER B 158 13.42 -21.64 -3.90
CA SER B 158 14.72 -21.90 -4.49
C SER B 158 15.61 -22.83 -3.66
N MET B 159 15.28 -23.01 -2.39
CA MET B 159 15.98 -23.97 -1.54
C MET B 159 15.23 -25.28 -1.43
N GLY B 160 14.06 -25.36 -2.02
CA GLY B 160 13.31 -26.60 -2.12
C GLY B 160 12.37 -26.96 -0.97
N PHE B 161 11.87 -25.94 -0.25
CA PHE B 161 11.01 -26.17 0.93
C PHE B 161 9.52 -26.08 0.65
N GLU B 162 9.10 -26.22 -0.60
CA GLU B 162 7.68 -26.12 -0.91
C GLU B 162 6.80 -27.05 -0.09
N GLU B 163 7.08 -28.35 -0.08
CA GLU B 163 6.22 -29.30 0.67
C GLU B 163 6.25 -29.04 2.19
N GLU B 164 7.42 -28.69 2.73
CA GLU B 164 7.53 -28.39 4.16
C GLU B 164 6.67 -27.17 4.50
N VAL B 165 6.78 -26.11 3.71
CA VAL B 165 6.01 -24.90 3.96
C VAL B 165 4.51 -25.17 3.91
N GLU B 166 4.08 -25.82 2.84
CA GLU B 166 2.66 -26.13 2.69
C GLU B 166 2.16 -27.03 3.83
N ALA B 167 2.99 -27.96 4.27
CA ALA B 167 2.65 -28.86 5.39
C ALA B 167 2.49 -28.07 6.68
N LEU B 168 3.41 -27.14 6.91
CA LEU B 168 3.34 -26.29 8.09
C LEU B 168 2.08 -25.39 8.13
N LEU B 169 1.77 -24.75 6.99
CA LEU B 169 0.62 -23.86 6.87
C LEU B 169 -0.69 -24.64 7.10
N SER B 170 -0.72 -25.85 6.52
CA SER B 170 -1.85 -26.77 6.70
C SER B 170 -2.11 -27.22 8.14
N ALA B 171 -1.07 -27.21 8.97
CA ALA B 171 -1.21 -27.52 10.39
C ALA B 171 -1.65 -26.34 11.23
N THR B 172 -1.71 -25.15 10.63
CA THR B 172 -2.20 -23.97 11.36
C THR B 172 -3.70 -23.77 11.17
N PRO B 173 -4.37 -23.08 12.11
CA PRO B 173 -5.81 -22.84 11.95
C PRO B 173 -6.13 -21.92 10.77
N PRO B 174 -7.16 -22.28 9.97
CA PRO B 174 -7.51 -21.44 8.82
C PRO B 174 -8.08 -20.08 9.21
N SER B 175 -8.39 -19.87 10.49
CA SER B 175 -8.81 -18.55 10.97
C SER B 175 -7.66 -17.52 10.98
N ARG B 176 -6.43 -18.01 10.90
CA ARG B 176 -5.25 -17.16 11.03
C ARG B 176 -5.22 -16.05 10.01
N GLN B 177 -4.40 -15.05 10.33
CA GLN B 177 -3.93 -14.05 9.39
C GLN B 177 -2.63 -14.57 8.80
N THR B 178 -2.45 -14.42 7.50
CA THR B 178 -1.26 -14.88 6.80
C THR B 178 -0.63 -13.71 6.00
N LEU B 179 0.68 -13.55 6.19
CA LEU B 179 1.45 -12.52 5.44
C LEU B 179 2.51 -13.23 4.66
N LEU B 180 2.66 -12.85 3.41
CA LEU B 180 3.64 -13.47 2.52
C LEU B 180 4.51 -12.36 1.97
N PHE B 181 5.82 -12.50 2.15
CA PHE B 181 6.81 -11.58 1.62
C PHE B 181 7.71 -12.30 0.63
N SER B 182 7.85 -11.72 -0.56
CA SER B 182 8.62 -12.34 -1.64
C SER B 182 8.97 -11.31 -2.69
N ALA B 183 10.28 -11.08 -2.89
CA ALA B 183 10.76 -10.08 -3.87
C ALA B 183 10.18 -10.34 -5.24
N THR B 184 10.22 -11.59 -5.65
CA THR B 184 9.63 -11.93 -6.89
C THR B 184 8.44 -12.78 -6.48
N LEU B 185 7.54 -12.94 -7.41
CA LEU B 185 6.25 -13.54 -7.17
C LEU B 185 6.12 -14.66 -8.18
N PRO B 186 6.90 -15.75 -8.01
CA PRO B 186 6.83 -16.82 -8.96
C PRO B 186 5.53 -17.62 -8.85
N SER B 187 5.32 -18.52 -9.78
CA SER B 187 4.13 -19.37 -9.80
C SER B 187 3.77 -19.92 -8.40
N TRP B 188 4.78 -20.38 -7.65
CA TRP B 188 4.52 -21.00 -6.36
C TRP B 188 3.86 -20.00 -5.39
N ALA B 189 4.39 -18.78 -5.34
CA ALA B 189 3.84 -17.73 -4.51
C ALA B 189 2.36 -17.53 -4.80
N LYS B 190 2.00 -17.54 -6.08
CA LYS B 190 0.61 -17.36 -6.51
C LYS B 190 -0.28 -18.52 -6.04
N ARG B 191 0.23 -19.74 -6.15
CA ARG B 191 -0.47 -20.91 -5.63
CA ARG B 191 -0.48 -20.91 -5.64
C ARG B 191 -0.74 -20.75 -4.13
N LEU B 192 0.28 -20.30 -3.40
CA LEU B 192 0.16 -20.09 -1.94
C LEU B 192 -0.93 -19.07 -1.58
N ALA B 193 -0.97 -17.96 -2.30
CA ALA B 193 -2.00 -16.97 -2.12
C ALA B 193 -3.38 -17.63 -2.28
N GLU B 194 -3.53 -18.43 -3.34
CA GLU B 194 -4.85 -19.04 -3.66
C GLU B 194 -5.22 -20.02 -2.60
N ARG B 195 -4.26 -20.85 -2.23
CA ARG B 195 -4.52 -21.97 -1.32
C ARG B 195 -4.45 -21.63 0.17
N TYR B 196 -3.75 -20.57 0.57
CA TYR B 196 -3.50 -20.31 1.97
C TYR B 196 -3.84 -18.90 2.52
N MET B 197 -4.36 -18.03 1.67
CA MET B 197 -4.57 -16.66 2.07
C MET B 197 -5.95 -16.19 1.70
N LYS B 198 -6.40 -15.16 2.39
CA LYS B 198 -7.76 -14.65 2.27
C LYS B 198 -7.78 -13.31 1.53
N ASN B 199 -7.98 -13.34 0.21
CA ASN B 199 -8.12 -12.10 -0.56
C ASN B 199 -7.02 -11.09 -0.17
N PRO B 200 -5.75 -11.54 -0.14
CA PRO B 200 -4.71 -10.61 0.28
C PRO B 200 -4.55 -9.43 -0.66
N VAL B 201 -4.33 -8.25 -0.10
CA VAL B 201 -3.89 -7.06 -0.89
C VAL B 201 -2.40 -7.25 -1.23
N LEU B 202 -2.00 -6.82 -2.41
CA LEU B 202 -0.58 -6.88 -2.84
C LEU B 202 0.00 -5.48 -2.68
N ILE B 203 1.14 -5.39 -1.99
CA ILE B 203 1.89 -4.16 -1.90
CA ILE B 203 1.91 -4.16 -1.89
C ILE B 203 3.24 -4.47 -2.54
N ASN B 204 3.61 -3.72 -3.57
CA ASN B 204 4.83 -3.95 -4.31
C ASN B 204 5.62 -2.66 -4.40
N VAL B 205 6.80 -2.67 -3.82
CA VAL B 205 7.65 -1.47 -3.87
CA VAL B 205 7.62 -1.48 -3.84
C VAL B 205 8.56 -1.65 -5.07
N ILE B 206 8.31 -0.83 -6.09
CA ILE B 206 9.07 -0.87 -7.35
C ILE B 206 10.21 0.14 -7.26
N LYS B 207 11.39 -0.35 -7.64
CA LYS B 207 12.61 0.41 -7.98
C LYS B 207 13.76 -0.05 -7.15
CA CA C . -4.56 9.40 -29.47
CA CA D . -3.12 10.31 16.03
CA CA E . -10.95 14.41 -24.96
P AMP F . -15.05 5.00 -6.01
O1P AMP F . -15.87 5.27 -7.30
O2P AMP F . -14.16 6.16 -5.72
O3P AMP F . -14.42 3.61 -5.91
O5' AMP F . -16.05 4.96 -4.73
C5' AMP F . -17.19 4.11 -4.80
C4' AMP F . -18.20 4.50 -3.71
O4' AMP F . -17.60 4.32 -2.43
C3' AMP F . -18.62 5.97 -3.81
O3' AMP F . -20.01 6.16 -3.55
C2' AMP F . -17.80 6.57 -2.69
O2' AMP F . -18.26 7.82 -2.21
C1' AMP F . -17.85 5.51 -1.66
N9 AMP F . -16.78 5.54 -0.67
C8 AMP F . -15.50 5.95 -0.89
N7 AMP F . -14.77 5.82 0.22
C5 AMP F . -15.59 5.37 1.21
C6 AMP F . -15.43 5.02 2.60
N6 AMP F . -14.25 5.19 3.20
N1 AMP F . -16.53 4.57 3.30
C2 AMP F . -17.72 4.40 2.69
N3 AMP F . -17.93 4.70 1.39
C4 AMP F . -16.92 5.17 0.61
CA CA G . 11.49 -30.36 0.20
CA CA H . 15.60 -26.49 7.82
P AMP I . 14.81 -5.57 6.20
O1P AMP I . 15.98 -6.54 6.13
O2P AMP I . 13.76 -5.95 7.25
O3P AMP I . 14.20 -5.30 4.81
O5' AMP I . 15.45 -4.21 6.85
C5' AMP I . 16.69 -3.67 6.43
C4' AMP I . 17.24 -2.56 7.32
O4' AMP I . 16.29 -1.50 7.39
C3' AMP I . 17.56 -2.92 8.76
O3' AMP I . 18.78 -2.25 9.15
C2' AMP I . 16.43 -2.34 9.57
O2' AMP I . 16.80 -2.00 10.91
C1' AMP I . 16.16 -1.09 8.75
N9 AMP I . 14.82 -0.52 8.98
C8 AMP I . 13.62 -1.18 9.00
N7 AMP I . 12.62 -0.34 9.23
C5 AMP I . 13.17 0.90 9.36
C6 AMP I . 12.66 2.24 9.61
N6 AMP I . 11.35 2.39 9.76
N1 AMP I . 13.52 3.29 9.68
C2 AMP I . 14.86 3.10 9.51
N3 AMP I . 15.42 1.89 9.27
C4 AMP I . 14.62 0.78 9.21
C1 GOL J . 17.58 -32.19 10.68
O1 GOL J . 18.95 -32.38 10.43
C2 GOL J . 17.25 -30.84 10.04
O2 GOL J . 17.93 -29.82 10.71
C3 GOL J . 15.77 -30.50 10.05
O3 GOL J . 15.20 -30.76 11.32
#